data_4J22
#
_entry.id   4J22
#
_cell.length_a   94.158
_cell.length_b   95.919
_cell.length_c   116.271
_cell.angle_alpha   90.000
_cell.angle_beta   90.000
_cell.angle_gamma   90.000
#
_symmetry.space_group_name_H-M   'C 2 2 21'
#
loop_
_entity.id
_entity.type
_entity.pdbx_description
1 polymer Tankyrase-2
2 non-polymer 'ZINC ION'
3 non-polymer 'SULFATE ION'
4 non-polymer 3-chloro-4-(4-methyl-2-oxo-1,2-dihydroquinolin-7-yl)-N-[2-(morpholin-4-yl)ethyl]benzamide
5 water water
#
_entity_poly.entity_id   1
_entity_poly.type   'polypeptide(L)'
_entity_poly.pdbx_seq_one_letter_code
;GTILIDLSPDDKEFQSVEEEMQSTVREHRDGGHAGGIFNRYNILKIQKVCNKKLWERYTHRRKEVSEENHNHANERMLFH
GSPFVNAIIHKGFDERHAYIGGMFGAGIYFAENSSKSNQYVYGIGGGTGCPVHKDRSCYICHRQLLFCRVTLGKSFLQFS
AMKMAHSPPGHHSVTGRPSVNGLALAEYVIYRGEQAYPEYLITYQIMRPE
;
_entity_poly.pdbx_strand_id   A,B
#
loop_
_chem_comp.id
_chem_comp.type
_chem_comp.name
_chem_comp.formula
AJ7 non-polymer 3-chloro-4-(4-methyl-2-oxo-1,2-dihydroquinolin-7-yl)-N-[2-(morpholin-4-yl)ethyl]benzamide 'C23 H24 Cl N3 O3'
SO4 non-polymer 'SULFATE ION' 'O4 S -2'
ZN non-polymer 'ZINC ION' 'Zn 2'
#
# COMPACT_ATOMS: atom_id res chain seq x y z
N GLY A 1 12.97 -9.09 -8.80
CA GLY A 1 14.09 -8.46 -8.06
C GLY A 1 13.60 -7.54 -6.93
N THR A 2 12.37 -7.00 -7.05
CA THR A 2 11.98 -5.88 -6.20
C THR A 2 11.13 -6.30 -5.02
N ILE A 3 11.49 -5.85 -3.85
CA ILE A 3 10.60 -6.00 -2.77
C ILE A 3 10.21 -4.63 -2.19
N LEU A 4 8.99 -4.51 -1.66
CA LEU A 4 8.50 -3.30 -1.03
C LEU A 4 8.33 -3.49 0.46
N ILE A 5 8.95 -2.63 1.25
CA ILE A 5 8.81 -2.68 2.72
C ILE A 5 7.99 -1.48 3.17
N ASP A 6 6.90 -1.77 3.86
CA ASP A 6 5.94 -0.76 4.32
C ASP A 6 6.58 -0.02 5.47
N LEU A 7 6.65 1.30 5.42
CA LEU A 7 7.09 2.02 6.59
C LEU A 7 5.94 2.31 7.55
N SER A 8 6.21 2.23 8.83
CA SER A 8 5.22 2.56 9.85
C SER A 8 5.10 4.08 9.93
N PRO A 9 3.88 4.64 10.00
CA PRO A 9 3.64 6.05 10.29
C PRO A 9 4.33 6.62 11.53
N ASP A 10 4.58 5.78 12.56
CA ASP A 10 5.42 6.13 13.73
C ASP A 10 6.90 6.20 13.45
N ASP A 11 7.35 5.65 12.35
CA ASP A 11 8.78 5.68 11.97
C ASP A 11 9.15 7.10 11.46
N LYS A 12 10.30 7.59 11.89
CA LYS A 12 10.77 8.91 11.52
C LYS A 12 11.07 9.03 9.98
N GLU A 13 11.43 7.93 9.34
CA GLU A 13 11.65 7.96 7.94
C GLU A 13 10.32 8.19 7.15
N PHE A 14 9.22 7.57 7.60
CA PHE A 14 7.91 7.80 7.04
C PHE A 14 7.54 9.28 7.16
N GLN A 15 7.75 9.80 8.35
CA GLN A 15 7.38 11.14 8.68
C GLN A 15 8.13 12.23 7.92
N SER A 16 9.44 12.07 7.69
CA SER A 16 10.17 13.07 6.90
C SER A 16 9.80 13.00 5.38
N VAL A 17 9.55 11.79 4.87
CA VAL A 17 9.03 11.62 3.48
C VAL A 17 7.65 12.26 3.34
N GLU A 18 6.78 12.04 4.33
CA GLU A 18 5.45 12.69 4.31
C GLU A 18 5.68 14.22 4.39
N GLU A 19 6.56 14.70 5.28
CA GLU A 19 6.79 16.14 5.37
C GLU A 19 7.21 16.74 4.01
N GLU A 20 8.05 16.04 3.30
CA GLU A 20 8.50 16.47 2.01
C GLU A 20 7.40 16.52 0.92
N MET A 21 6.49 15.56 0.93
CA MET A 21 5.29 15.60 0.11
C MET A 21 4.47 16.82 0.41
N GLN A 22 4.06 16.93 1.68
CA GLN A 22 3.07 17.92 2.13
C GLN A 22 3.66 19.34 1.92
N SER A 23 4.95 19.55 2.27
CA SER A 23 5.45 20.92 2.35
C SER A 23 5.73 21.48 0.97
N THR A 24 5.72 20.61 -0.04
CA THR A 24 6.06 21.08 -1.39
C THR A 24 4.85 21.10 -2.34
N VAL A 25 3.62 21.03 -1.82
CA VAL A 25 2.44 21.43 -2.60
C VAL A 25 2.46 22.96 -2.88
N ARG A 26 2.06 23.34 -4.08
CA ARG A 26 1.89 24.73 -4.42
C ARG A 26 0.66 24.84 -5.28
N GLU A 27 0.22 26.07 -5.52
CA GLU A 27 -0.86 26.29 -6.47
C GLU A 27 -0.32 26.19 -7.89
N HIS A 28 -1.16 25.77 -8.79
CA HIS A 28 -0.75 25.66 -10.13
C HIS A 28 -1.51 26.58 -11.03
N ARG A 29 -0.79 27.06 -12.05
CA ARG A 29 -1.32 28.11 -12.95
C ARG A 29 -2.45 27.56 -13.80
N ASP A 30 -2.68 26.23 -13.80
CA ASP A 30 -3.85 25.69 -14.53
C ASP A 30 -5.15 25.60 -13.70
N GLY A 31 -5.16 26.22 -12.52
CA GLY A 31 -6.26 26.14 -11.59
C GLY A 31 -6.60 24.72 -11.13
N GLY A 32 -5.68 23.76 -11.24
CA GLY A 32 -6.00 22.39 -10.83
C GLY A 32 -6.46 21.48 -11.95
N HIS A 33 -6.44 21.96 -13.20
CA HIS A 33 -6.92 21.16 -14.33
C HIS A 33 -6.25 19.77 -14.48
N ALA A 34 -4.92 19.75 -14.59
CA ALA A 34 -4.14 18.50 -14.73
C ALA A 34 -4.15 17.61 -13.47
N GLY A 35 -3.87 18.20 -12.30
CA GLY A 35 -3.78 17.37 -11.11
C GLY A 35 -4.84 17.45 -10.05
N GLY A 36 -5.81 18.34 -10.24
CA GLY A 36 -6.84 18.57 -9.25
C GLY A 36 -6.67 19.76 -8.34
N ILE A 37 -7.69 20.02 -7.52
CA ILE A 37 -7.79 21.14 -6.59
C ILE A 37 -7.53 20.70 -5.17
N PHE A 38 -6.47 21.18 -4.53
CA PHE A 38 -6.09 20.70 -3.20
C PHE A 38 -4.92 21.48 -2.74
N ASN A 39 -4.76 21.54 -1.43
CA ASN A 39 -3.61 22.13 -0.71
C ASN A 39 -2.80 21.10 0.06
N ARG A 40 -3.39 19.92 0.28
CA ARG A 40 -2.68 18.83 0.97
C ARG A 40 -3.13 17.40 0.55
N TYR A 41 -2.38 16.40 1.02
CA TYR A 41 -2.66 15.02 0.74
C TYR A 41 -3.14 14.23 1.97
N ASN A 42 -3.85 13.15 1.68
CA ASN A 42 -4.02 12.06 2.67
C ASN A 42 -3.03 10.97 2.28
N ILE A 43 -1.98 10.83 3.08
CA ILE A 43 -0.99 9.81 2.76
C ILE A 43 -1.49 8.42 3.28
N LEU A 44 -1.51 7.39 2.43
CA LEU A 44 -2.17 6.13 2.81
C LEU A 44 -1.14 5.07 3.07
N LYS A 45 0.02 5.21 2.43
CA LYS A 45 1.06 4.22 2.57
C LYS A 45 2.35 4.81 2.06
N ILE A 46 3.48 4.49 2.70
CA ILE A 46 4.77 4.80 2.11
C ILE A 46 5.59 3.52 2.14
N GLN A 47 6.04 3.04 0.97
CA GLN A 47 6.86 1.84 0.92
C GLN A 47 8.27 2.14 0.42
N LYS A 48 9.28 1.49 1.02
CA LYS A 48 10.64 1.61 0.55
C LYS A 48 10.81 0.55 -0.53
N VAL A 49 11.50 0.92 -1.62
CA VAL A 49 11.65 0.08 -2.79
C VAL A 49 13.08 -0.52 -2.79
N CYS A 50 13.16 -1.85 -2.80
CA CYS A 50 14.41 -2.55 -2.56
CA CYS A 50 14.44 -2.54 -2.58
C CYS A 50 14.69 -3.49 -3.73
N ASN A 51 15.74 -3.17 -4.50
CA ASN A 51 16.10 -3.96 -5.67
C ASN A 51 17.60 -3.83 -5.92
N LYS A 52 18.30 -4.88 -5.56
CA LYS A 52 19.76 -4.89 -5.59
C LYS A 52 20.32 -4.54 -6.98
N LYS A 53 19.87 -5.22 -8.04
CA LYS A 53 20.33 -4.93 -9.41
C LYS A 53 20.10 -3.44 -9.77
N LEU A 54 18.88 -2.94 -9.53
CA LEU A 54 18.61 -1.52 -9.80
C LEU A 54 19.46 -0.58 -8.95
N TRP A 55 19.69 -0.92 -7.70
CA TRP A 55 20.46 -0.05 -6.84
C TRP A 55 21.92 0.05 -7.36
N GLU A 56 22.49 -1.10 -7.70
CA GLU A 56 23.87 -1.14 -8.16
C GLU A 56 23.99 -0.48 -9.48
N ARG A 57 22.94 -0.57 -10.29
CA ARG A 57 22.97 0.06 -11.58
C ARG A 57 23.07 1.59 -11.32
N TYR A 58 22.41 2.03 -10.26
CA TYR A 58 22.28 3.42 -9.95
C TYR A 58 23.62 3.91 -9.39
N THR A 59 24.16 3.19 -8.40
CA THR A 59 25.39 3.66 -7.74
C THR A 59 26.60 3.52 -8.69
N HIS A 60 26.47 2.71 -9.74
CA HIS A 60 27.55 2.56 -10.66
C HIS A 60 27.60 3.77 -11.58
N ARG A 61 26.44 4.22 -12.07
CA ARG A 61 26.38 5.46 -12.80
C ARG A 61 26.82 6.67 -11.94
N ARG A 62 26.46 6.64 -10.66
CA ARG A 62 26.66 7.75 -9.74
C ARG A 62 28.17 8.09 -9.58
N LYS A 63 28.98 7.07 -9.33
CA LYS A 63 30.43 7.15 -9.17
C LYS A 63 31.08 7.69 -10.43
N GLU A 64 30.64 7.22 -11.61
CA GLU A 64 31.09 7.80 -12.89
C GLU A 64 30.79 9.26 -13.02
N VAL A 65 29.53 9.64 -12.76
CA VAL A 65 29.14 11.06 -12.83
C VAL A 65 29.94 11.89 -11.84
N SER A 66 30.07 11.35 -10.63
CA SER A 66 30.85 11.94 -9.56
C SER A 66 32.28 12.30 -10.04
N GLU A 67 32.96 11.32 -10.59
CA GLU A 67 34.30 11.51 -11.16
C GLU A 67 34.40 12.55 -12.26
N GLU A 68 33.32 12.77 -13.01
CA GLU A 68 33.34 13.74 -14.07
C GLU A 68 32.99 15.12 -13.55
N ASN A 69 32.70 15.25 -12.25
CA ASN A 69 32.16 16.52 -11.74
C ASN A 69 32.78 16.91 -10.39
N HIS A 70 34.12 17.00 -10.38
CA HIS A 70 34.86 17.42 -9.19
C HIS A 70 34.39 16.66 -7.95
N ASN A 71 34.33 15.33 -8.10
CA ASN A 71 33.82 14.37 -7.10
C ASN A 71 32.50 14.74 -6.41
N HIS A 72 31.59 15.28 -7.20
CA HIS A 72 30.28 15.67 -6.72
C HIS A 72 29.17 15.06 -7.57
N ALA A 73 28.49 14.05 -7.05
CA ALA A 73 27.30 13.47 -7.66
C ALA A 73 26.16 14.47 -7.87
N ASN A 74 26.12 15.52 -7.05
CA ASN A 74 24.94 16.40 -7.02
C ASN A 74 23.63 15.61 -6.90
N GLU A 75 23.56 14.73 -5.90
CA GLU A 75 22.43 13.88 -5.72
C GLU A 75 21.27 14.55 -5.00
N ARG A 76 20.07 14.44 -5.55
CA ARG A 76 18.85 14.98 -4.93
C ARG A 76 17.77 13.92 -4.67
N MET A 77 16.77 14.32 -3.89
CA MET A 77 15.57 13.53 -3.71
C MET A 77 14.47 14.31 -4.38
N LEU A 78 13.88 13.70 -5.38
CA LEU A 78 12.93 14.42 -6.22
C LEU A 78 11.68 13.58 -6.45
N PHE A 79 10.54 14.20 -6.76
CA PHE A 79 9.31 13.46 -7.06
C PHE A 79 9.19 13.08 -8.54
N HIS A 80 8.50 11.97 -8.79
CA HIS A 80 8.17 11.56 -10.12
C HIS A 80 6.81 10.90 -10.11
N GLY A 81 5.90 11.46 -10.92
CA GLY A 81 4.52 10.89 -11.10
C GLY A 81 4.38 10.42 -12.55
N SER A 82 3.68 9.30 -12.73
CA SER A 82 3.66 8.62 -14.02
C SER A 82 2.63 7.48 -13.98
N PRO A 83 1.96 7.17 -15.13
CA PRO A 83 1.10 5.98 -15.08
C PRO A 83 1.91 4.69 -15.09
N PHE A 84 3.23 4.75 -15.18
CA PHE A 84 4.06 3.58 -15.32
C PHE A 84 4.85 3.31 -14.02
N VAL A 85 4.38 3.86 -12.89
CA VAL A 85 5.07 3.75 -11.63
C VAL A 85 5.35 2.24 -11.27
N ASN A 86 4.38 1.34 -11.47
CA ASN A 86 4.54 -0.10 -11.14
CA ASN A 86 4.57 -0.02 -11.04
C ASN A 86 5.60 -0.73 -11.99
N ALA A 87 5.67 -0.34 -13.27
CA ALA A 87 6.78 -0.75 -14.14
C ALA A 87 8.17 -0.19 -13.74
N ILE A 88 8.23 1.09 -13.30
CA ILE A 88 9.50 1.68 -12.87
C ILE A 88 10.10 0.98 -11.60
N ILE A 89 9.28 0.67 -10.61
CA ILE A 89 9.78 0.04 -9.42
C ILE A 89 10.30 -1.41 -9.67
N HIS A 90 9.85 -2.11 -10.72
CA HIS A 90 10.33 -3.44 -11.04
C HIS A 90 11.46 -3.45 -12.05
N LYS A 91 11.39 -2.63 -13.07
CA LYS A 91 12.43 -2.69 -14.09
C LYS A 91 13.31 -1.45 -14.19
N GLY A 92 12.98 -0.39 -13.43
CA GLY A 92 13.85 0.80 -13.38
C GLY A 92 13.37 1.84 -14.39
N PHE A 93 13.96 3.03 -14.29
CA PHE A 93 13.76 4.10 -15.26
C PHE A 93 14.49 3.77 -16.56
N ASP A 94 13.84 4.04 -17.68
CA ASP A 94 14.50 4.00 -18.97
C ASP A 94 13.78 4.94 -19.97
N GLU A 95 14.27 4.93 -21.22
CA GLU A 95 13.76 5.76 -22.34
C GLU A 95 12.24 5.84 -22.51
N ARG A 96 11.55 4.79 -22.11
CA ARG A 96 10.13 4.70 -22.23
C ARG A 96 9.42 5.53 -21.22
N HIS A 97 10.15 6.03 -20.21
CA HIS A 97 9.64 7.01 -19.25
C HIS A 97 9.99 8.47 -19.62
N ALA A 98 10.77 8.63 -20.70
CA ALA A 98 11.17 9.97 -21.17
C ALA A 98 9.96 10.75 -21.62
N TYR A 99 10.04 12.08 -21.52
CA TYR A 99 9.02 12.96 -22.03
C TYR A 99 9.50 13.53 -23.38
N ILE A 100 9.05 12.93 -24.50
CA ILE A 100 9.61 13.31 -25.82
C ILE A 100 9.40 14.78 -26.09
N GLY A 101 8.24 15.32 -25.76
CA GLY A 101 7.97 16.72 -26.07
C GLY A 101 8.18 17.64 -24.87
N GLY A 102 9.07 17.26 -23.96
CA GLY A 102 9.40 18.09 -22.82
C GLY A 102 10.14 19.37 -23.17
N MET A 103 9.90 20.41 -22.38
CA MET A 103 10.44 21.75 -22.66
C MET A 103 11.97 21.87 -22.53
N PHE A 104 12.54 20.98 -21.73
CA PHE A 104 13.99 20.93 -21.52
C PHE A 104 14.59 19.76 -22.24
N GLY A 105 13.91 19.25 -23.26
CA GLY A 105 14.45 18.15 -24.06
C GLY A 105 13.85 16.78 -23.71
N ALA A 106 14.10 15.81 -24.59
CA ALA A 106 13.48 14.48 -24.50
C ALA A 106 14.18 13.55 -23.46
N GLY A 107 13.97 13.83 -22.17
CA GLY A 107 14.54 12.98 -21.09
C GLY A 107 13.44 12.67 -20.05
N ILE A 108 13.85 12.12 -18.92
CA ILE A 108 12.98 11.82 -17.80
C ILE A 108 12.95 12.99 -16.82
N TYR A 109 11.77 13.44 -16.47
CA TYR A 109 11.51 14.66 -15.70
C TYR A 109 11.18 14.32 -14.28
N PHE A 110 11.78 15.13 -13.40
CA PHE A 110 11.62 15.03 -11.95
C PHE A 110 11.31 16.42 -11.40
N ALA A 111 10.58 16.47 -10.29
CA ALA A 111 10.13 17.75 -9.77
C ALA A 111 10.44 17.89 -8.26
N GLU A 112 10.74 19.13 -7.85
CA GLU A 112 10.85 19.48 -6.49
C GLU A 112 9.51 19.66 -5.83
N ASN A 113 8.51 20.08 -6.59
CA ASN A 113 7.18 20.24 -6.07
C ASN A 113 6.41 18.95 -6.23
N SER A 114 5.96 18.38 -5.10
CA SER A 114 5.20 17.10 -5.19
C SER A 114 3.98 17.30 -6.04
N SER A 115 3.32 18.47 -5.88
CA SER A 115 2.08 18.78 -6.67
C SER A 115 2.29 18.89 -8.22
N LYS A 116 3.53 19.18 -8.62
CA LYS A 116 3.96 19.13 -10.04
C LYS A 116 3.94 17.66 -10.50
N SER A 117 4.56 16.79 -9.70
CA SER A 117 4.56 15.37 -10.07
C SER A 117 3.14 14.82 -10.06
N ASN A 118 2.31 15.32 -9.14
CA ASN A 118 0.88 14.91 -9.05
C ASN A 118 0.08 15.17 -10.34
N GLN A 119 0.43 16.24 -11.04
CA GLN A 119 -0.14 16.50 -12.35
C GLN A 119 0.04 15.37 -13.40
N TYR A 120 1.04 14.50 -13.27
CA TYR A 120 1.41 13.49 -14.29
C TYR A 120 1.03 12.06 -13.93
N VAL A 121 0.40 11.91 -12.77
CA VAL A 121 0.07 10.63 -12.21
C VAL A 121 -0.86 9.88 -13.21
N TYR A 122 -1.77 10.60 -13.82
CA TYR A 122 -2.67 10.02 -14.79
C TYR A 122 -2.29 10.29 -16.24
N GLY A 123 -1.06 10.79 -16.49
CA GLY A 123 -0.45 10.89 -17.85
C GLY A 123 -0.14 12.36 -18.13
N ILE A 124 0.33 12.69 -19.33
CA ILE A 124 0.78 14.06 -19.68
C ILE A 124 -0.46 14.90 -19.52
N GLY A 125 -0.39 16.04 -18.84
CA GLY A 125 -1.62 16.88 -18.71
C GLY A 125 -2.76 16.33 -17.84
N GLY A 126 -2.48 15.31 -17.01
CA GLY A 126 -3.59 14.68 -16.28
C GLY A 126 -4.30 13.57 -17.05
N GLY A 127 -3.96 13.39 -18.33
CA GLY A 127 -4.63 12.43 -19.21
C GLY A 127 -6.10 12.67 -19.09
N THR A 128 -6.87 11.60 -18.95
CA THR A 128 -8.32 11.69 -18.73
C THR A 128 -8.68 11.49 -17.25
N GLY A 129 -7.70 11.52 -16.35
CA GLY A 129 -8.03 11.46 -14.92
C GLY A 129 -8.06 10.05 -14.37
N CYS A 130 -8.61 9.85 -13.15
CA CYS A 130 -8.61 8.49 -12.59
C CYS A 130 -9.24 7.49 -13.57
N PRO A 131 -8.76 6.23 -13.59
CA PRO A 131 -9.43 5.18 -14.40
C PRO A 131 -10.93 4.96 -14.09
N VAL A 132 -11.34 5.16 -12.84
CA VAL A 132 -12.68 4.77 -12.41
C VAL A 132 -13.73 5.83 -12.71
N HIS A 133 -13.43 7.10 -12.43
CA HIS A 133 -14.35 8.25 -12.65
C HIS A 133 -13.98 9.21 -13.83
N LYS A 134 -12.82 9.04 -14.45
CA LYS A 134 -12.31 9.96 -15.49
C LYS A 134 -12.32 11.39 -14.92
N ASP A 135 -11.84 11.53 -13.69
CA ASP A 135 -11.84 12.79 -12.96
C ASP A 135 -10.38 13.16 -12.64
N ARG A 136 -9.88 14.27 -13.18
CA ARG A 136 -8.50 14.65 -12.89
C ARG A 136 -8.33 15.12 -11.44
N SER A 137 -9.44 15.50 -10.84
CA SER A 137 -9.42 16.00 -9.48
C SER A 137 -10.12 14.99 -8.58
N CYS A 138 -10.15 13.73 -8.96
CA CYS A 138 -10.74 12.69 -8.09
C CYS A 138 -10.14 12.73 -6.68
N TYR A 139 -11.02 12.83 -5.65
CA TYR A 139 -10.67 12.73 -4.22
C TYR A 139 -10.80 11.29 -3.63
N ILE A 140 -11.24 10.38 -4.46
CA ILE A 140 -11.56 9.02 -4.03
C ILE A 140 -10.44 8.05 -4.33
N CYS A 141 -10.01 8.00 -5.58
CA CYS A 141 -9.04 7.01 -6.04
C CYS A 141 -7.70 7.27 -5.43
N HIS A 142 -7.04 6.16 -5.08
CA HIS A 142 -5.71 6.18 -4.49
C HIS A 142 -4.72 6.51 -5.59
N ARG A 143 -3.86 7.54 -5.44
CA ARG A 143 -2.77 7.81 -6.40
C ARG A 143 -1.45 7.28 -5.88
N GLN A 144 -0.47 7.12 -6.76
CA GLN A 144 0.91 6.86 -6.33
C GLN A 144 1.91 7.77 -6.97
N LEU A 145 2.96 8.17 -6.23
CA LEU A 145 4.07 9.05 -6.71
C LEU A 145 5.30 8.27 -6.29
N LEU A 146 6.42 8.47 -6.99
CA LEU A 146 7.74 8.04 -6.46
C LEU A 146 8.55 9.19 -5.92
N PHE A 147 9.26 8.98 -4.81
CA PHE A 147 10.21 9.93 -4.27
C PHE A 147 11.59 9.31 -4.58
N CYS A 148 12.32 9.89 -5.54
CA CYS A 148 13.47 9.20 -6.10
C CYS A 148 14.84 9.83 -5.75
N ARG A 149 15.87 8.99 -5.74
CA ARG A 149 17.22 9.47 -5.60
C ARG A 149 17.75 9.69 -7.02
N VAL A 150 18.15 10.94 -7.32
CA VAL A 150 18.47 11.36 -8.68
C VAL A 150 19.87 12.00 -8.66
N THR A 151 20.80 11.40 -9.42
CA THR A 151 22.11 12.01 -9.69
C THR A 151 22.06 13.14 -10.77
N LEU A 152 22.26 14.41 -10.39
CA LEU A 152 22.32 15.49 -11.38
C LEU A 152 23.72 15.76 -11.96
N GLY A 153 24.81 15.42 -11.26
CA GLY A 153 26.18 15.81 -11.73
C GLY A 153 26.23 17.29 -12.12
N LYS A 154 26.93 17.63 -13.23
CA LYS A 154 26.87 19.03 -13.77
C LYS A 154 25.58 19.29 -14.46
N SER A 155 24.81 20.23 -13.96
CA SER A 155 23.49 20.35 -14.44
C SER A 155 23.44 21.63 -15.21
N PHE A 156 22.84 21.59 -16.39
CA PHE A 156 22.77 22.74 -17.20
C PHE A 156 21.56 23.56 -16.76
N LEU A 157 21.81 24.84 -16.50
CA LEU A 157 20.80 25.67 -15.99
C LEU A 157 20.03 26.34 -17.12
N GLN A 158 18.74 26.03 -17.22
CA GLN A 158 17.86 26.63 -18.20
C GLN A 158 16.72 27.38 -17.52
N PHE A 159 16.64 28.68 -17.73
CA PHE A 159 15.66 29.46 -17.02
C PHE A 159 14.50 29.24 -17.93
N SER A 160 13.32 29.13 -17.35
CA SER A 160 12.19 28.87 -18.16
C SER A 160 11.31 30.02 -17.91
N ALA A 161 10.44 30.33 -18.86
CA ALA A 161 9.54 31.44 -18.73
C ALA A 161 8.24 31.01 -17.95
N MET A 162 8.25 29.87 -17.26
CA MET A 162 7.10 29.43 -16.44
C MET A 162 6.83 30.23 -15.10
N MET A 164 15.51 9.38 -26.78
CA MET A 164 16.08 10.07 -25.61
C MET A 164 17.36 10.90 -25.95
N ALA A 165 17.19 12.24 -26.00
CA ALA A 165 18.27 13.22 -26.33
C ALA A 165 19.51 13.04 -25.48
N HIS A 166 20.58 13.74 -25.82
CA HIS A 166 21.78 13.72 -24.99
C HIS A 166 21.69 14.92 -24.08
N SER A 167 22.44 14.89 -22.97
CA SER A 167 22.61 16.09 -22.14
C SER A 167 23.33 17.13 -23.03
N PRO A 168 23.16 18.46 -22.74
CA PRO A 168 24.01 19.40 -23.48
C PRO A 168 25.52 19.01 -23.31
N PRO A 169 26.43 19.50 -24.19
CA PRO A 169 27.78 18.93 -24.06
C PRO A 169 28.41 19.26 -22.73
N GLY A 170 29.10 18.28 -22.13
CA GLY A 170 29.72 18.44 -20.82
C GLY A 170 28.76 18.59 -19.63
N HIS A 171 27.46 18.25 -19.80
CA HIS A 171 26.49 18.17 -18.66
C HIS A 171 25.83 16.78 -18.42
N HIS A 172 25.27 16.57 -17.23
CA HIS A 172 24.73 15.27 -16.85
C HIS A 172 23.19 15.28 -16.70
N SER A 173 22.59 16.46 -16.78
CA SER A 173 21.16 16.70 -16.55
C SER A 173 20.88 18.12 -16.92
N VAL A 174 19.60 18.47 -16.99
CA VAL A 174 19.18 19.85 -17.11
C VAL A 174 18.38 20.26 -15.88
N THR A 175 18.55 21.52 -15.46
CA THR A 175 17.72 22.19 -14.43
C THR A 175 16.86 23.20 -15.13
N GLY A 176 15.55 22.97 -15.02
CA GLY A 176 14.54 23.84 -15.55
C GLY A 176 14.04 24.66 -14.40
N ARG A 177 14.46 25.93 -14.38
CA ARG A 177 14.18 26.81 -13.27
C ARG A 177 13.15 27.88 -13.68
N PRO A 178 11.91 27.78 -13.15
CA PRO A 178 10.87 28.78 -13.43
C PRO A 178 11.40 30.17 -13.09
N SER A 179 11.31 31.13 -14.01
CA SER A 179 11.74 32.51 -13.73
C SER A 179 10.58 33.49 -13.47
N VAL A 180 9.36 33.15 -13.93
CA VAL A 180 8.16 34.00 -13.70
C VAL A 180 7.45 33.66 -12.37
N ASN A 181 6.93 32.43 -12.25
CA ASN A 181 6.39 32.04 -10.94
C ASN A 181 7.50 31.92 -9.89
N GLY A 182 7.61 32.95 -9.05
CA GLY A 182 8.61 32.99 -7.99
C GLY A 182 8.40 31.93 -6.90
N LEU A 183 7.20 31.31 -6.86
CA LEU A 183 6.89 30.21 -5.90
C LEU A 183 6.98 28.76 -6.49
N ALA A 184 7.24 28.65 -7.81
CA ALA A 184 7.42 27.37 -8.43
C ALA A 184 8.84 26.90 -8.19
N LEU A 185 8.99 25.65 -7.73
CA LEU A 185 10.35 25.08 -7.59
C LEU A 185 10.84 24.47 -8.91
N ALA A 186 12.07 23.96 -8.94
CA ALA A 186 12.71 23.49 -10.16
C ALA A 186 12.20 22.14 -10.61
N GLU A 187 12.46 21.85 -11.89
CA GLU A 187 12.35 20.53 -12.44
C GLU A 187 13.70 20.18 -12.98
N TYR A 188 14.02 18.90 -13.02
CA TYR A 188 15.28 18.45 -13.52
C TYR A 188 15.03 17.34 -14.54
N VAL A 189 15.87 17.23 -15.54
CA VAL A 189 15.73 16.23 -16.58
C VAL A 189 17.03 15.50 -16.62
N ILE A 190 16.97 14.17 -16.68
CA ILE A 190 18.12 13.32 -16.91
C ILE A 190 17.89 12.57 -18.23
N TYR A 191 18.97 12.14 -18.87
CA TYR A 191 18.95 11.47 -20.18
C TYR A 191 19.41 10.03 -20.07
N ARG A 192 19.62 9.53 -18.87
CA ARG A 192 19.97 8.11 -18.66
C ARG A 192 19.17 7.59 -17.45
N GLY A 193 18.50 6.45 -17.61
CA GLY A 193 17.63 5.93 -16.60
C GLY A 193 18.43 5.55 -15.39
N GLU A 194 19.70 5.20 -15.63
CA GLU A 194 20.57 4.73 -14.55
C GLU A 194 20.86 5.89 -13.57
N GLN A 195 20.43 7.10 -13.90
CA GLN A 195 20.70 8.22 -13.00
C GLN A 195 19.61 8.50 -11.98
N ALA A 196 18.60 7.63 -11.84
CA ALA A 196 17.60 7.78 -10.81
C ALA A 196 17.26 6.38 -10.26
N TYR A 197 17.05 6.29 -8.96
CA TYR A 197 16.61 5.10 -8.27
C TYR A 197 15.28 5.50 -7.58
N PRO A 198 14.26 4.67 -7.73
CA PRO A 198 12.98 5.04 -7.16
C PRO A 198 12.87 4.51 -5.74
N GLU A 199 13.38 5.24 -4.76
CA GLU A 199 13.44 4.78 -3.42
C GLU A 199 12.15 4.59 -2.69
N TYR A 200 11.21 5.51 -2.80
CA TYR A 200 9.93 5.39 -2.05
C TYR A 200 8.74 5.37 -2.98
N LEU A 201 7.76 4.50 -2.69
CA LEU A 201 6.48 4.54 -3.38
C LEU A 201 5.45 5.10 -2.42
N ILE A 202 4.87 6.24 -2.75
CA ILE A 202 3.92 6.85 -1.87
C ILE A 202 2.51 6.72 -2.44
N THR A 203 1.64 6.01 -1.70
CA THR A 203 0.18 5.94 -2.00
C THR A 203 -0.61 6.99 -1.23
N TYR A 204 -1.49 7.70 -1.92
CA TYR A 204 -2.12 8.87 -1.28
C TYR A 204 -3.42 9.29 -1.99
N GLN A 205 -4.18 10.16 -1.35
CA GLN A 205 -5.24 10.87 -2.04
C GLN A 205 -4.98 12.37 -1.90
N ILE A 206 -5.36 13.16 -2.92
CA ILE A 206 -5.46 14.61 -2.76
C ILE A 206 -6.73 14.89 -1.89
N MET A 207 -6.66 15.90 -1.05
CA MET A 207 -7.80 16.26 -0.15
C MET A 207 -8.62 17.42 -0.69
N ARG A 208 -9.94 17.26 -0.70
CA ARG A 208 -10.83 18.40 -1.02
C ARG A 208 -10.64 19.46 0.05
N PRO A 209 -10.32 20.69 -0.35
CA PRO A 209 -10.23 21.86 0.55
C PRO A 209 -11.53 22.12 1.35
N GLU A 210 -11.42 22.53 2.61
CA GLU A 210 -12.58 23.00 3.42
C GLU A 210 -12.89 24.47 3.19
N GLY B 1 -17.62 -17.68 29.17
CA GLY B 1 -18.65 -17.72 28.12
C GLY B 1 -18.19 -18.59 26.96
N THR B 2 -16.90 -18.58 26.67
CA THR B 2 -16.44 -19.19 25.47
C THR B 2 -15.97 -20.63 25.72
N ILE B 3 -16.35 -21.56 24.86
CA ILE B 3 -15.72 -22.86 24.89
C ILE B 3 -15.22 -23.12 23.46
N LEU B 4 -14.17 -23.90 23.36
CA LEU B 4 -13.61 -24.23 22.10
C LEU B 4 -13.75 -25.74 21.96
N ILE B 5 -14.27 -26.19 20.85
CA ILE B 5 -14.36 -27.63 20.54
C ILE B 5 -13.34 -27.95 19.43
N ASP B 6 -12.45 -28.88 19.70
CA ASP B 6 -11.55 -29.38 18.65
C ASP B 6 -12.26 -30.03 17.50
N LEU B 7 -11.85 -29.74 16.27
CA LEU B 7 -12.38 -30.53 15.16
C LEU B 7 -11.38 -31.65 14.81
N SER B 8 -11.89 -32.82 14.47
CA SER B 8 -11.02 -33.95 14.17
C SER B 8 -10.52 -33.70 12.74
N PRO B 9 -9.23 -33.98 12.44
CA PRO B 9 -8.75 -33.88 11.04
C PRO B 9 -9.52 -34.75 10.03
N ASP B 10 -10.30 -35.72 10.54
CA ASP B 10 -11.04 -36.65 9.68
C ASP B 10 -12.41 -36.12 9.37
N ASP B 11 -12.78 -35.04 10.01
CA ASP B 11 -14.08 -34.48 9.93
C ASP B 11 -14.00 -33.53 8.74
N LYS B 12 -14.99 -33.61 7.85
CA LYS B 12 -14.96 -32.80 6.63
C LYS B 12 -14.92 -31.29 6.91
N GLU B 13 -15.45 -30.86 8.06
CA GLU B 13 -15.47 -29.43 8.39
C GLU B 13 -14.01 -28.91 8.62
N PHE B 14 -13.22 -29.65 9.37
CA PHE B 14 -11.78 -29.43 9.48
C PHE B 14 -11.12 -29.35 8.09
N GLN B 15 -11.57 -30.19 7.17
CA GLN B 15 -10.82 -30.35 5.92
C GLN B 15 -11.06 -29.20 5.00
N SER B 16 -12.29 -28.72 4.99
CA SER B 16 -12.62 -27.58 4.19
C SER B 16 -12.11 -26.26 4.84
N VAL B 17 -12.02 -26.19 6.16
CA VAL B 17 -11.39 -25.01 6.74
C VAL B 17 -9.87 -24.98 6.38
N GLU B 18 -9.21 -26.13 6.54
CA GLU B 18 -7.83 -26.26 6.06
C GLU B 18 -7.74 -25.89 4.56
N GLU B 19 -8.64 -26.40 3.72
CA GLU B 19 -8.60 -26.06 2.29
C GLU B 19 -8.70 -24.55 1.99
N GLU B 20 -9.58 -23.86 2.66
CA GLU B 20 -9.64 -22.44 2.59
C GLU B 20 -8.34 -21.71 3.00
N MET B 21 -7.67 -22.17 4.06
CA MET B 21 -6.35 -21.69 4.48
C MET B 21 -5.32 -21.92 3.41
N GLN B 22 -5.11 -23.18 3.07
CA GLN B 22 -4.10 -23.56 2.07
C GLN B 22 -4.39 -22.91 0.68
N SER B 23 -5.62 -22.95 0.19
CA SER B 23 -5.80 -22.53 -1.20
C SER B 23 -5.70 -21.01 -1.42
N THR B 24 -5.67 -20.25 -0.33
CA THR B 24 -5.67 -18.78 -0.41
C THR B 24 -4.33 -18.18 0.07
N VAL B 25 -3.26 -19.00 0.15
CA VAL B 25 -1.92 -18.46 0.22
C VAL B 25 -1.51 -17.81 -1.13
N ARG B 26 -0.84 -16.66 -1.07
CA ARG B 26 -0.28 -16.11 -2.32
C ARG B 26 1.10 -15.55 -1.98
N GLU B 27 1.84 -15.11 -2.99
CA GLU B 27 3.10 -14.38 -2.69
C GLU B 27 2.75 -12.95 -2.33
N HIS B 28 3.55 -12.37 -1.45
CA HIS B 28 3.40 -11.00 -1.04
C HIS B 28 4.53 -10.09 -1.55
N ARG B 29 4.15 -8.83 -1.82
CA ARG B 29 5.03 -7.87 -2.52
C ARG B 29 6.16 -7.46 -1.60
N ASP B 30 6.04 -7.81 -0.31
CA ASP B 30 7.15 -7.55 0.63
C ASP B 30 8.23 -8.63 0.66
N GLY B 31 8.17 -9.61 -0.23
CA GLY B 31 9.17 -10.72 -0.27
C GLY B 31 9.12 -11.57 1.01
N GLY B 32 8.07 -11.40 1.79
CA GLY B 32 7.92 -12.17 3.00
C GLY B 32 8.36 -11.41 4.22
N HIS B 33 8.63 -10.10 4.10
CA HIS B 33 9.10 -9.31 5.25
C HIS B 33 8.15 -9.45 6.48
N ALA B 34 6.86 -9.17 6.32
CA ALA B 34 5.90 -9.18 7.46
C ALA B 34 5.47 -10.56 8.00
N GLY B 35 5.11 -11.48 7.12
CA GLY B 35 4.52 -12.76 7.44
C GLY B 35 5.44 -13.93 7.28
N GLY B 36 6.61 -13.71 6.69
CA GLY B 36 7.53 -14.81 6.43
C GLY B 36 7.42 -15.46 5.05
N ILE B 37 8.33 -16.39 4.78
CA ILE B 37 8.43 -16.98 3.43
C ILE B 37 7.91 -18.41 3.45
N PHE B 38 6.89 -18.69 2.64
CA PHE B 38 6.20 -19.95 2.67
C PHE B 38 5.23 -19.98 1.53
N ASN B 39 4.88 -21.20 1.15
CA ASN B 39 3.87 -21.49 0.11
C ASN B 39 2.65 -22.16 0.76
N ARG B 40 2.86 -22.76 1.94
CA ARG B 40 1.83 -23.58 2.60
C ARG B 40 2.00 -23.62 4.13
N TYR B 41 0.93 -24.06 4.81
CA TYR B 41 0.95 -24.20 6.23
C TYR B 41 1.03 -25.66 6.66
N ASN B 42 1.56 -25.86 7.85
CA ASN B 42 1.29 -27.10 8.62
C ASN B 42 0.18 -26.75 9.66
N ILE B 43 -1.04 -27.26 9.40
CA ILE B 43 -2.17 -27.02 10.27
C ILE B 43 -2.10 -27.92 11.54
N LEU B 44 -2.10 -27.31 12.72
CA LEU B 44 -1.87 -28.08 13.97
C LEU B 44 -3.15 -28.39 14.71
N LYS B 45 -4.12 -27.46 14.67
CA LYS B 45 -5.37 -27.67 15.32
C LYS B 45 -6.38 -26.77 14.66
N ILE B 46 -7.62 -27.23 14.60
CA ILE B 46 -8.69 -26.31 14.30
C ILE B 46 -9.75 -26.41 15.35
N GLN B 47 -10.10 -25.28 15.96
CA GLN B 47 -11.16 -25.27 16.94
C GLN B 47 -12.35 -24.44 16.55
N LYS B 48 -13.51 -24.95 16.91
CA LYS B 48 -14.73 -24.19 16.75
C LYS B 48 -14.92 -23.31 18.01
N VAL B 49 -15.24 -22.03 17.83
CA VAL B 49 -15.38 -21.10 18.94
C VAL B 49 -16.89 -20.94 19.24
N CYS B 50 -17.28 -21.24 20.47
CA CYS B 50 -18.69 -21.33 20.86
CA CYS B 50 -18.68 -21.32 20.85
C CYS B 50 -18.95 -20.37 22.01
N ASN B 51 -19.78 -19.35 21.78
CA ASN B 51 -20.06 -18.42 22.85
C ASN B 51 -21.44 -17.84 22.60
N LYS B 52 -22.40 -18.19 23.46
CA LYS B 52 -23.82 -17.90 23.22
C LYS B 52 -24.07 -16.37 23.18
N LYS B 53 -23.56 -15.63 24.15
CA LYS B 53 -23.70 -14.15 24.12
C LYS B 53 -23.08 -13.48 22.89
N LEU B 54 -21.87 -13.87 22.52
CA LEU B 54 -21.29 -13.25 21.33
C LEU B 54 -22.01 -13.67 20.04
N TRP B 55 -22.54 -14.89 19.99
CA TRP B 55 -23.30 -15.36 18.81
C TRP B 55 -24.58 -14.51 18.59
N GLU B 56 -25.36 -14.36 19.65
CA GLU B 56 -26.60 -13.57 19.58
C GLU B 56 -26.32 -12.08 19.30
N ARG B 57 -25.21 -11.58 19.81
CA ARG B 57 -24.81 -10.24 19.49
C ARG B 57 -24.54 -10.14 17.95
N TYR B 58 -23.89 -11.14 17.37
CA TYR B 58 -23.65 -11.17 15.91
C TYR B 58 -24.97 -11.24 15.13
N THR B 59 -25.83 -12.20 15.46
CA THR B 59 -27.03 -12.44 14.61
C THR B 59 -28.06 -11.34 14.82
N HIS B 60 -28.02 -10.68 15.97
CA HIS B 60 -28.90 -9.55 16.16
C HIS B 60 -28.45 -8.40 15.26
N ARG B 61 -27.16 -8.15 15.16
CA ARG B 61 -26.67 -7.15 14.23
C ARG B 61 -26.91 -7.59 12.79
N ARG B 62 -26.75 -8.88 12.51
CA ARG B 62 -26.87 -9.34 11.12
C ARG B 62 -28.27 -9.04 10.57
N LYS B 63 -29.29 -9.13 11.42
CA LYS B 63 -30.69 -8.98 11.00
C LYS B 63 -30.96 -7.52 10.68
N GLU B 64 -30.48 -6.64 11.53
CA GLU B 64 -30.49 -5.20 11.25
C GLU B 64 -29.89 -4.90 9.89
N VAL B 65 -28.65 -5.32 9.67
CA VAL B 65 -27.99 -5.07 8.40
C VAL B 65 -28.82 -5.69 7.26
N SER B 66 -29.14 -6.97 7.39
CA SER B 66 -29.92 -7.68 6.42
C SER B 66 -31.18 -6.85 6.04
N GLU B 67 -31.93 -6.43 7.06
CA GLU B 67 -33.13 -5.61 6.83
C GLU B 67 -32.94 -4.24 6.23
N GLU B 68 -31.79 -3.59 6.43
CA GLU B 68 -31.44 -2.32 5.76
C GLU B 68 -30.87 -2.55 4.40
N ASN B 69 -30.58 -3.80 4.07
CA ASN B 69 -30.01 -4.09 2.74
C ASN B 69 -30.95 -5.05 2.02
N HIS B 70 -32.26 -4.87 2.23
CA HIS B 70 -33.25 -5.50 1.34
C HIS B 70 -33.13 -7.03 1.45
N ASN B 71 -33.16 -7.50 2.70
CA ASN B 71 -32.94 -8.90 3.08
C ASN B 71 -31.68 -9.62 2.57
N HIS B 72 -30.54 -8.90 2.61
CA HIS B 72 -29.26 -9.47 2.21
C HIS B 72 -28.14 -9.05 3.14
N ALA B 73 -27.87 -9.91 4.10
CA ALA B 73 -26.72 -9.85 5.01
C ALA B 73 -25.36 -9.70 4.34
N ASN B 74 -25.18 -10.31 3.16
CA ASN B 74 -23.93 -10.32 2.43
C ASN B 74 -22.83 -10.83 3.35
N GLU B 75 -23.05 -12.03 3.86
CA GLU B 75 -22.23 -12.66 4.86
C GLU B 75 -21.12 -13.51 4.24
N ARG B 76 -19.88 -13.30 4.69
CA ARG B 76 -18.76 -14.04 4.17
C ARG B 76 -18.00 -14.75 5.27
N MET B 77 -17.09 -15.64 4.85
CA MET B 77 -16.13 -16.26 5.79
C MET B 77 -14.80 -15.65 5.41
N LEU B 78 -14.18 -14.96 6.37
CA LEU B 78 -12.95 -14.22 6.08
C LEU B 78 -11.92 -14.47 7.15
N PHE B 79 -10.62 -14.33 6.82
CA PHE B 79 -9.56 -14.47 7.83
C PHE B 79 -9.29 -13.18 8.60
N HIS B 80 -8.85 -13.37 9.84
CA HIS B 80 -8.38 -12.31 10.67
C HIS B 80 -7.21 -12.75 11.53
N GLY B 81 -6.10 -12.07 11.34
CA GLY B 81 -4.90 -12.33 12.12
C GLY B 81 -4.63 -11.13 13.00
N SER B 82 -4.22 -11.39 14.22
CA SER B 82 -3.94 -10.35 15.20
C SER B 82 -3.26 -10.87 16.47
N PRO B 83 -2.43 -10.02 17.14
CA PRO B 83 -1.91 -10.42 18.45
C PRO B 83 -3.01 -10.64 19.48
N PHE B 84 -4.22 -10.14 19.22
CA PHE B 84 -5.26 -10.18 20.24
C PHE B 84 -6.31 -11.31 20.05
N VAL B 85 -5.93 -12.33 19.29
CA VAL B 85 -6.84 -13.40 19.03
C VAL B 85 -7.43 -13.98 20.33
N ASN B 86 -6.64 -14.15 21.40
CA ASN B 86 -7.18 -14.71 22.66
CA ASN B 86 -7.23 -14.79 22.57
C ASN B 86 -8.23 -13.81 23.27
N ALA B 87 -8.05 -12.51 23.13
CA ALA B 87 -9.08 -11.64 23.66
C ALA B 87 -10.32 -11.64 22.78
N ILE B 88 -10.13 -11.60 21.45
CA ILE B 88 -11.30 -11.64 20.55
C ILE B 88 -12.22 -12.86 20.80
N ILE B 89 -11.69 -14.06 20.91
CA ILE B 89 -12.54 -15.25 21.14
C ILE B 89 -13.33 -15.22 22.48
N HIS B 90 -12.85 -14.48 23.48
CA HIS B 90 -13.54 -14.44 24.75
C HIS B 90 -14.45 -13.24 24.84
N LYS B 91 -14.03 -12.09 24.32
CA LYS B 91 -14.84 -10.87 24.48
C LYS B 91 -15.42 -10.28 23.19
N GLY B 92 -14.96 -10.77 22.05
CA GLY B 92 -15.53 -10.31 20.80
C GLY B 92 -14.68 -9.28 20.10
N PHE B 93 -15.08 -8.93 18.87
CA PHE B 93 -14.42 -7.85 18.14
C PHE B 93 -14.88 -6.51 18.75
N ASP B 94 -13.97 -5.56 18.91
CA ASP B 94 -14.40 -4.15 19.20
C ASP B 94 -13.35 -3.15 18.71
N GLU B 95 -13.54 -1.87 19.04
CA GLU B 95 -12.64 -0.75 18.55
C GLU B 95 -11.13 -0.94 18.73
N ARG B 96 -10.78 -1.67 19.77
CA ARG B 96 -9.41 -1.91 20.04
C ARG B 96 -8.81 -2.82 19.02
N HIS B 97 -9.67 -3.54 18.27
CA HIS B 97 -9.17 -4.42 17.19
C HIS B 97 -9.16 -3.70 15.81
N ALA B 98 -9.53 -2.42 15.83
CA ALA B 98 -9.54 -1.60 14.65
C ALA B 98 -8.15 -1.14 14.27
N TYR B 99 -7.99 -0.91 12.98
CA TYR B 99 -6.71 -0.49 12.45
C TYR B 99 -6.83 0.98 12.19
N ILE B 100 -6.27 1.81 13.08
CA ILE B 100 -6.48 3.25 12.93
C ILE B 100 -5.83 3.81 11.67
N GLY B 101 -4.61 3.40 11.33
CA GLY B 101 -4.01 3.95 10.13
C GLY B 101 -4.24 3.07 8.91
N GLY B 102 -5.40 2.42 8.83
CA GLY B 102 -5.67 1.56 7.68
C GLY B 102 -6.05 2.37 6.44
N MET B 103 -5.67 1.86 5.29
CA MET B 103 -6.01 2.48 4.01
C MET B 103 -7.50 2.72 3.72
N PHE B 104 -8.37 1.87 4.24
CA PHE B 104 -9.76 1.99 3.84
C PHE B 104 -10.56 2.52 5.00
N GLY B 105 -9.89 3.29 5.85
CA GLY B 105 -10.51 3.89 7.02
C GLY B 105 -10.25 3.12 8.31
N ALA B 106 -10.66 3.68 9.44
CA ALA B 106 -10.39 3.11 10.77
C ALA B 106 -11.44 2.06 11.18
N GLY B 107 -11.31 0.81 10.80
CA GLY B 107 -12.28 -0.20 11.29
C GLY B 107 -11.51 -1.49 11.40
N ILE B 108 -12.24 -2.59 11.53
CA ILE B 108 -11.61 -3.90 11.69
C ILE B 108 -11.45 -4.58 10.30
N TYR B 109 -10.22 -5.00 9.98
CA TYR B 109 -9.85 -5.53 8.68
C TYR B 109 -9.91 -7.05 8.64
N PHE B 110 -10.43 -7.57 7.52
CA PHE B 110 -10.46 -8.99 7.20
C PHE B 110 -9.96 -9.28 5.80
N ALA B 111 -9.47 -10.51 5.58
CA ALA B 111 -8.85 -10.82 4.28
C ALA B 111 -9.36 -12.13 3.74
N GLU B 112 -9.56 -12.12 2.43
CA GLU B 112 -9.77 -13.31 1.66
C GLU B 112 -8.47 -14.11 1.57
N ASN B 113 -7.30 -13.48 1.41
CA ASN B 113 -6.08 -14.29 1.48
C ASN B 113 -5.66 -14.64 2.89
N SER B 114 -5.58 -15.93 3.25
CA SER B 114 -5.11 -16.31 4.58
C SER B 114 -3.68 -15.76 4.80
N SER B 115 -2.90 -15.71 3.75
CA SER B 115 -1.50 -15.21 3.87
C SER B 115 -1.39 -13.69 4.14
N LYS B 116 -2.42 -12.92 3.75
CA LYS B 116 -2.55 -11.50 4.17
C LYS B 116 -2.74 -11.43 5.68
N SER B 117 -3.71 -12.17 6.21
CA SER B 117 -3.93 -12.21 7.68
C SER B 117 -2.72 -12.70 8.47
N ASN B 118 -2.03 -13.70 7.94
CA ASN B 118 -0.79 -14.18 8.52
C ASN B 118 0.22 -13.07 8.71
N GLN B 119 0.20 -12.06 7.82
CA GLN B 119 1.13 -10.94 7.97
C GLN B 119 0.90 -10.11 9.25
N TYR B 120 -0.28 -10.24 9.86
CA TYR B 120 -0.63 -9.43 11.04
C TYR B 120 -0.67 -10.17 12.38
N VAL B 121 -0.45 -11.49 12.34
CA VAL B 121 -0.49 -12.38 13.50
C VAL B 121 0.44 -11.85 14.63
N TYR B 122 1.62 -11.36 14.27
CA TYR B 122 2.53 -10.72 15.25
C TYR B 122 2.46 -9.19 15.37
N GLY B 123 1.46 -8.55 14.74
CA GLY B 123 1.18 -7.07 14.86
C GLY B 123 1.24 -6.36 13.47
N ILE B 124 0.96 -5.04 13.37
CA ILE B 124 1.04 -4.31 12.08
C ILE B 124 2.42 -4.57 11.52
N GLY B 125 2.54 -4.97 10.24
CA GLY B 125 3.85 -5.11 9.60
C GLY B 125 4.57 -6.37 10.09
N GLY B 126 3.85 -7.25 10.80
CA GLY B 126 4.46 -8.40 11.49
C GLY B 126 5.24 -8.03 12.78
N GLY B 127 5.13 -6.77 13.28
CA GLY B 127 5.75 -6.35 14.55
C GLY B 127 7.20 -6.80 14.55
N THR B 128 7.66 -7.44 15.63
CA THR B 128 9.07 -7.94 15.58
C THR B 128 9.09 -9.45 15.47
N GLY B 129 7.99 -10.07 15.01
CA GLY B 129 7.96 -11.52 14.80
C GLY B 129 7.60 -12.35 16.02
N CYS B 130 7.90 -13.64 15.99
CA CYS B 130 7.50 -14.50 17.11
C CYS B 130 8.07 -13.97 18.45
N PRO B 131 7.34 -14.16 19.56
CA PRO B 131 7.78 -13.75 20.89
C PRO B 131 9.14 -14.39 21.26
N VAL B 132 9.34 -15.68 20.91
CA VAL B 132 10.55 -16.40 21.29
C VAL B 132 11.79 -16.08 20.49
N HIS B 133 11.69 -16.01 19.17
CA HIS B 133 12.88 -15.80 18.32
C HIS B 133 13.01 -14.37 17.68
N LYS B 134 12.00 -13.53 17.87
CA LYS B 134 11.88 -12.25 17.13
C LYS B 134 12.12 -12.47 15.63
N ASP B 135 11.54 -13.54 15.10
CA ASP B 135 11.65 -13.89 13.72
C ASP B 135 10.22 -13.85 13.06
N ARG B 136 10.05 -12.86 12.20
CA ARG B 136 8.86 -12.73 11.38
C ARG B 136 8.61 -13.91 10.46
N SER B 137 9.66 -14.66 10.12
CA SER B 137 9.54 -15.87 9.32
C SER B 137 9.72 -17.18 10.14
N CYS B 138 9.46 -17.15 11.45
CA CYS B 138 9.72 -18.32 12.30
C CYS B 138 8.94 -19.52 11.77
N TYR B 139 9.62 -20.66 11.54
CA TYR B 139 8.97 -21.94 11.17
C TYR B 139 8.63 -22.84 12.37
N ILE B 140 9.09 -22.42 13.53
CA ILE B 140 9.00 -23.17 14.79
C ILE B 140 7.79 -22.76 15.66
N CYS B 141 7.58 -21.47 15.88
CA CYS B 141 6.46 -21.06 16.76
C CYS B 141 5.12 -21.25 16.15
N HIS B 142 4.22 -21.74 17.00
CA HIS B 142 2.84 -21.95 16.66
C HIS B 142 2.14 -20.60 16.46
N ARG B 143 1.49 -20.37 15.32
CA ARG B 143 0.73 -19.15 15.09
C ARG B 143 -0.77 -19.44 15.21
N GLN B 144 -1.58 -18.40 15.40
CA GLN B 144 -3.06 -18.55 15.36
C GLN B 144 -3.70 -17.50 14.49
N LEU B 145 -4.68 -17.92 13.67
CA LEU B 145 -5.53 -17.02 12.86
C LEU B 145 -7.00 -17.36 13.16
N LEU B 146 -7.89 -16.39 12.98
CA LEU B 146 -9.35 -16.65 13.02
C LEU B 146 -9.95 -16.68 11.62
N PHE B 147 -10.84 -17.65 11.39
CA PHE B 147 -11.65 -17.69 10.21
C PHE B 147 -13.01 -17.28 10.70
N CYS B 148 -13.46 -16.08 10.30
CA CYS B 148 -14.63 -15.43 10.92
C CYS B 148 -15.83 -15.30 10.01
N ARG B 149 -17.00 -15.27 10.62
CA ARG B 149 -18.19 -14.99 9.90
C ARG B 149 -18.37 -13.46 9.95
N VAL B 150 -18.50 -12.82 8.77
CA VAL B 150 -18.52 -11.38 8.66
C VAL B 150 -19.73 -10.84 7.85
N THR B 151 -20.56 -9.98 8.46
CA THR B 151 -21.67 -9.40 7.75
C THR B 151 -21.21 -8.11 7.01
N LEU B 152 -21.30 -8.11 5.68
CA LEU B 152 -20.84 -6.92 4.88
C LEU B 152 -21.98 -5.96 4.53
N GLY B 153 -23.24 -6.44 4.57
CA GLY B 153 -24.41 -5.64 4.13
C GLY B 153 -24.07 -4.97 2.81
N LYS B 154 -24.42 -3.70 2.66
CA LYS B 154 -24.01 -2.97 1.40
C LYS B 154 -22.58 -2.55 1.49
N SER B 155 -21.71 -3.09 0.64
CA SER B 155 -20.31 -2.82 0.85
C SER B 155 -19.91 -1.76 -0.12
N PHE B 156 -19.23 -0.71 0.36
CA PHE B 156 -18.70 0.32 -0.51
C PHE B 156 -17.42 -0.16 -1.19
N LEU B 157 -17.42 -0.11 -2.51
CA LEU B 157 -16.30 -0.64 -3.22
C LEU B 157 -15.22 0.36 -3.43
N GLN B 158 -14.02 0.03 -2.95
CA GLN B 158 -12.95 0.98 -3.04
C GLN B 158 -11.80 0.29 -3.72
N PHE B 159 -11.42 0.79 -4.89
CA PHE B 159 -10.33 0.18 -5.62
C PHE B 159 -9.05 0.70 -5.01
N SER B 160 -8.08 -0.18 -4.91
CA SER B 160 -6.86 0.11 -4.22
C SER B 160 -5.76 -0.03 -5.19
N ALA B 161 -4.71 0.75 -5.05
CA ALA B 161 -3.57 0.70 -5.96
C ALA B 161 -2.53 -0.44 -5.66
N MET B 162 -2.83 -1.30 -4.68
CA MET B 162 -2.04 -2.51 -4.34
C MET B 162 -2.15 -3.66 -5.37
N MET B 164 -13.07 4.63 16.43
CA MET B 164 -13.44 3.76 15.32
C MET B 164 -14.39 4.50 14.34
N ALA B 165 -13.93 4.70 13.09
CA ALA B 165 -14.64 5.52 12.08
C ALA B 165 -16.03 5.02 11.70
N HIS B 166 -16.62 5.67 10.68
CA HIS B 166 -17.99 5.39 10.30
C HIS B 166 -18.04 4.63 8.98
N SER B 167 -19.04 3.77 8.88
CA SER B 167 -19.48 3.16 7.62
C SER B 167 -19.81 4.34 6.62
N PRO B 168 -19.40 4.21 5.34
CA PRO B 168 -19.72 5.33 4.43
C PRO B 168 -21.26 5.54 4.30
N PRO B 169 -21.73 6.79 4.00
CA PRO B 169 -23.18 7.04 4.08
C PRO B 169 -23.97 5.94 3.39
N GLY B 170 -24.87 5.28 4.12
CA GLY B 170 -25.67 4.16 3.56
C GLY B 170 -24.89 2.91 3.16
N HIS B 171 -23.67 2.73 3.70
CA HIS B 171 -22.92 1.47 3.51
C HIS B 171 -22.67 0.78 4.87
N HIS B 172 -22.41 -0.53 4.87
CA HIS B 172 -22.21 -1.29 6.14
C HIS B 172 -20.76 -1.77 6.29
N SER B 173 -19.99 -1.56 5.24
CA SER B 173 -18.61 -2.05 5.20
C SER B 173 -17.96 -1.46 3.98
N VAL B 174 -16.65 -1.64 3.90
CA VAL B 174 -15.88 -1.28 2.73
C VAL B 174 -15.19 -2.53 2.21
N THR B 175 -15.22 -2.67 0.88
CA THR B 175 -14.43 -3.66 0.17
C THR B 175 -13.24 -2.97 -0.46
N GLY B 176 -12.03 -3.40 -0.04
CA GLY B 176 -10.78 -2.82 -0.51
C GLY B 176 -10.25 -3.83 -1.47
N ARG B 177 -10.28 -3.49 -2.76
CA ARG B 177 -10.03 -4.49 -3.80
C ARG B 177 -8.76 -4.15 -4.56
N PRO B 178 -7.66 -4.94 -4.36
CA PRO B 178 -6.43 -4.55 -5.09
C PRO B 178 -6.67 -4.51 -6.62
N SER B 179 -6.11 -3.48 -7.29
CA SER B 179 -6.28 -3.30 -8.73
C SER B 179 -4.99 -3.53 -9.51
N VAL B 180 -3.85 -3.64 -8.81
CA VAL B 180 -2.57 -3.87 -9.51
C VAL B 180 -2.10 -5.35 -9.43
N ASN B 181 -2.00 -5.89 -8.20
CA ASN B 181 -1.72 -7.31 -8.10
C ASN B 181 -3.01 -8.08 -8.47
N GLY B 182 -3.04 -8.52 -9.76
CA GLY B 182 -4.08 -9.39 -10.28
C GLY B 182 -4.33 -10.66 -9.45
N LEU B 183 -3.32 -11.09 -8.68
CA LEU B 183 -3.49 -12.29 -7.87
C LEU B 183 -3.92 -11.97 -6.41
N ALA B 184 -3.95 -10.70 -5.99
CA ALA B 184 -4.34 -10.39 -4.64
C ALA B 184 -5.84 -10.35 -4.47
N LEU B 185 -6.39 -11.06 -3.45
CA LEU B 185 -7.85 -11.03 -3.21
C LEU B 185 -8.21 -9.83 -2.33
N ALA B 186 -9.49 -9.64 -2.01
CA ALA B 186 -9.96 -8.41 -1.35
C ALA B 186 -9.74 -8.46 0.14
N GLU B 187 -9.81 -7.27 0.74
CA GLU B 187 -9.89 -7.08 2.15
C GLU B 187 -11.16 -6.33 2.38
N TYR B 188 -11.73 -6.49 3.55
CA TYR B 188 -13.01 -5.89 3.90
C TYR B 188 -12.84 -5.18 5.23
N VAL B 189 -13.60 -4.09 5.47
CA VAL B 189 -13.49 -3.32 6.71
C VAL B 189 -14.88 -3.19 7.27
N ILE B 190 -15.06 -3.49 8.56
CA ILE B 190 -16.35 -3.25 9.20
C ILE B 190 -16.07 -2.23 10.32
N TYR B 191 -17.12 -1.53 10.76
CA TYR B 191 -16.96 -0.49 11.74
C TYR B 191 -17.71 -0.81 12.99
N ARG B 192 -18.31 -1.97 13.05
CA ARG B 192 -18.98 -2.40 14.29
C ARG B 192 -18.48 -3.79 14.60
N GLY B 193 -17.95 -4.02 15.79
CA GLY B 193 -17.44 -5.33 16.15
C GLY B 193 -18.52 -6.40 16.08
N GLU B 194 -19.77 -5.98 16.18
CA GLU B 194 -20.87 -6.94 16.19
C GLU B 194 -21.11 -7.55 14.81
N GLN B 195 -20.41 -7.06 13.80
CA GLN B 195 -20.58 -7.57 12.43
C GLN B 195 -19.60 -8.66 12.05
N ALA B 196 -18.86 -9.19 13.03
CA ALA B 196 -18.04 -10.37 12.82
C ALA B 196 -18.17 -11.34 14.04
N TYR B 197 -18.14 -12.63 13.78
CA TYR B 197 -18.10 -13.64 14.83
C TYR B 197 -16.88 -14.48 14.53
N PRO B 198 -16.01 -14.68 15.52
CA PRO B 198 -14.81 -15.45 15.23
C PRO B 198 -15.08 -16.94 15.32
N GLU B 199 -15.45 -17.59 14.25
CA GLU B 199 -16.01 -18.92 14.32
C GLU B 199 -15.00 -20.04 14.51
N TYR B 200 -13.89 -19.98 13.82
CA TYR B 200 -12.82 -20.99 14.00
C TYR B 200 -11.55 -20.32 14.44
N LEU B 201 -10.80 -21.06 15.23
CA LEU B 201 -9.52 -20.58 15.71
C LEU B 201 -8.53 -21.61 15.12
N ILE B 202 -7.59 -21.16 14.30
CA ILE B 202 -6.71 -22.05 13.59
C ILE B 202 -5.29 -21.92 14.08
N THR B 203 -4.72 -23.03 14.58
CA THR B 203 -3.34 -23.03 15.10
C THR B 203 -2.43 -23.70 14.07
N TYR B 204 -1.31 -23.07 13.69
CA TYR B 204 -0.56 -23.58 12.53
C TYR B 204 0.86 -23.11 12.56
N GLN B 205 1.72 -23.71 11.72
CA GLN B 205 3.05 -23.17 11.48
C GLN B 205 3.09 -22.83 10.00
N ILE B 206 3.85 -21.83 9.61
CA ILE B 206 4.11 -21.68 8.18
C ILE B 206 5.22 -22.72 7.87
N MET B 207 5.30 -23.21 6.64
CA MET B 207 6.30 -24.20 6.31
C MET B 207 7.40 -23.65 5.39
N ARG B 208 8.66 -23.91 5.76
CA ARG B 208 9.79 -23.45 4.97
C ARG B 208 9.72 -24.13 3.60
N PRO B 209 9.77 -23.36 2.49
CA PRO B 209 9.71 -24.00 1.15
C PRO B 209 10.88 -24.97 0.91
N GLU B 210 10.64 -26.02 0.14
CA GLU B 210 11.72 -26.96 -0.23
C GLU B 210 12.45 -26.65 -1.54
ZN ZN C . -11.66 8.30 -9.21
S SO4 D . 2.12 25.22 -13.42
O1 SO4 D . 1.67 26.15 -12.34
O2 SO4 D . 3.54 24.90 -13.34
O3 SO4 D . 1.33 24.01 -13.40
O4 SO4 D . 1.98 25.71 -14.76
S SO4 E . -7.46 22.14 3.40
O1 SO4 E . -8.87 22.54 3.42
O2 SO4 E . -6.89 22.38 4.74
O3 SO4 E . -7.30 20.71 3.04
O4 SO4 E . -6.75 22.96 2.43
C4 AJ7 F . 6.74 14.19 -13.26
C8 AJ7 F . 6.39 13.43 -15.50
C10 AJ7 F . 5.95 12.61 -17.73
C13 AJ7 F . 5.79 10.46 -20.83
C15 AJ7 F . 4.10 8.88 -21.75
C21 AJ7 F . 4.27 7.50 -27.27
C22 AJ7 F . 3.59 6.77 -28.47
C24 AJ7 F . 2.26 5.74 -26.65
C26 AJ7 F . 3.79 10.02 -19.54
C1 AJ7 F . 7.49 17.17 -15.62
C2 AJ7 F . 7.14 15.79 -15.06
C3 AJ7 F . 7.12 15.53 -13.68
O5 AJ7 F . 6.68 13.86 -12.11
N6 AJ7 F . 6.41 13.21 -14.12
C9 AJ7 F . 5.94 12.41 -16.33
C11 AJ7 F . 5.48 11.58 -18.70
C12 AJ7 F . 6.24 11.32 -19.85
C14 AJ7 F . 4.58 9.78 -20.67
O16 AJ7 F . 2.91 8.61 -21.78
N17 AJ7 F . 4.89 8.46 -22.75
C18 AJ7 F . 4.39 7.63 -23.88
C19 AJ7 F . 3.98 8.59 -25.03
N20 AJ7 F . 3.31 7.97 -26.20
O23 AJ7 F . 2.49 5.94 -28.07
C25 AJ7 F . 2.11 7.10 -25.93
C27 AJ7 F . 4.22 10.90 -18.55
CL AJ7 F . 3.16 11.11 -17.19
C29 AJ7 F . 6.28 13.88 -18.24
C30 AJ7 F . 6.70 14.92 -17.44
C31 AJ7 F . 6.76 14.72 -16.02
ZN ZN G . 9.80 -18.33 16.94
S SO4 H . 1.11 -7.47 -0.34
O1 SO4 H . 1.47 -8.25 -1.51
O2 SO4 H . -0.25 -7.66 0.07
O3 SO4 H . 2.03 -7.72 0.77
O4 SO4 H . 1.34 -6.08 -0.55
S SO4 I . 6.91 -26.06 -0.53
O1 SO4 I . 8.26 -26.65 -0.55
O2 SO4 I . 5.82 -26.97 -0.91
O3 SO4 I . 6.60 -25.53 0.80
O4 SO4 I . 6.92 -24.97 -1.49
C4 AJ7 J . -5.86 -9.02 9.25
C8 AJ7 J . -5.26 -7.17 10.65
C10 AJ7 J . -4.65 -5.36 12.13
C13 AJ7 J . -4.43 -2.93 15.01
C15 AJ7 J . -2.95 -2.87 17.08
C21 AJ7 J . -3.18 -1.36 22.17
C22 AJ7 J . -2.25 -2.58 22.38
C24 AJ7 J . -4.32 -3.54 23.42
C26 AJ7 J . -2.83 -4.72 15.42
C1 AJ7 J . -5.39 -5.92 6.93
C2 AJ7 J . -5.48 -6.82 8.19
C3 AJ7 J . -5.80 -8.18 8.07
O5 AJ7 J . -6.16 -10.21 9.19
N6 AJ7 J . -5.61 -8.50 10.47
C9 AJ7 J . -4.97 -6.70 11.95
C11 AJ7 J . -4.26 -4.77 13.46
C12 AJ7 J . -4.85 -3.55 13.87
C14 AJ7 J . -3.43 -3.49 15.81
O16 AJ7 J . -1.76 -3.11 17.42
N17 AJ7 J . -3.81 -2.08 17.78
C18 AJ7 J . -3.56 -1.42 19.10
C19 AJ7 J . -4.70 -1.80 20.11
N20 AJ7 J . -4.52 -1.76 21.61
O23 AJ7 J . -2.94 -3.71 22.97
C25 AJ7 J . -5.21 -2.87 22.35
C27 AJ7 J . -3.22 -5.35 14.25
CL AJ7 J . -2.40 -6.83 13.88
C29 AJ7 J . -4.55 -4.50 11.04
C30 AJ7 J . -4.83 -4.92 9.77
C31 AJ7 J . -5.20 -6.29 9.53
#